data_9DGB
#
_entry.id   9DGB
#
_cell.length_a   104.033
_cell.length_b   104.033
_cell.length_c   82.704
_cell.angle_alpha   90.000
_cell.angle_beta   90.000
_cell.angle_gamma   120.000
#
_symmetry.space_group_name_H-M   'P 32 2 1'
#
loop_
_entity.id
_entity.type
_entity.pdbx_description
1 polymer 'Tetrahydroprotoberberine N-methyltransferase'
2 non-polymer S-ADENOSYLMETHIONINE
3 non-polymer (S)-reticuline
4 non-polymer GLYCEROL
5 water water
#
_entity_poly.entity_id   1
_entity_poly.type   'polypeptide(L)'
_entity_poly.pdbx_seq_one_letter_code
;MGSSHHHHHHGTGSYITSLYKKAGWMGSNEAQVKKESIGEIMGKLMQGEIGDEELSKRIKEIFGKRLQWGYKPTHQQQLA
FNLDFIKSLKEMDMSGEIDTMNEETYELPSAFLEAAFGKTIKQSGCYFKDETTTIDEAEEASHELYCERAQIKDGQTVLD
IGCGQGGLVLHIAQKYKNCHVTGLTNSKAQKNYILMQAEKLQLSNVDVILADVTKHESDKTYDRILVIETIEHMKNIQLF
MKKLSTWMTEDSLLFVDHICHKTFSHHFEAIDEDDWYSGFIFPKGCVTILSASALLYFQDDVTILDHWVVNGMHMARSVD
AWRKKLDKNMELAREILLPGLGSKEAVNGVITHIRTFCMGGYEQFSYNNGEEWMVAQMLFKKK
;
_entity_poly.pdbx_strand_id   A
#
loop_
_chem_comp.id
_chem_comp.type
_chem_comp.name
_chem_comp.formula
GOL non-polymer GLYCEROL 'C3 H8 O3'
REN non-polymer (S)-reticuline 'C19 H23 N O4'
SAM non-polymer S-ADENOSYLMETHIONINE 'C15 H22 N6 O5 S'
#
# COMPACT_ATOMS: atom_id res chain seq x y z
N GLU A 36 -9.20 20.50 -24.59
CA GLU A 36 -9.11 20.83 -23.14
C GLU A 36 -7.80 20.29 -22.58
N SER A 37 -7.04 21.18 -21.93
CA SER A 37 -5.71 20.86 -21.44
C SER A 37 -5.79 20.32 -20.01
N ILE A 38 -4.61 20.01 -19.45
CA ILE A 38 -4.47 19.57 -18.07
C ILE A 38 -4.97 20.69 -17.15
N GLY A 39 -4.45 21.90 -17.39
CA GLY A 39 -4.74 23.07 -16.57
C GLY A 39 -6.23 23.33 -16.39
N GLU A 40 -7.00 23.10 -17.46
CA GLU A 40 -8.43 23.36 -17.48
C GLU A 40 -9.14 22.37 -16.56
N ILE A 41 -8.86 21.07 -16.75
CA ILE A 41 -9.48 20.01 -15.98
C ILE A 41 -9.08 20.15 -14.52
N MET A 42 -7.79 20.43 -14.28
CA MET A 42 -7.25 20.59 -12.94
C MET A 42 -7.90 21.79 -12.26
N GLY A 43 -8.17 22.84 -13.05
CA GLY A 43 -8.84 24.05 -12.57
C GLY A 43 -10.24 23.75 -12.07
N LYS A 44 -11.03 23.06 -12.90
CA LYS A 44 -12.41 22.74 -12.56
C LYS A 44 -12.46 21.74 -11.41
N LEU A 45 -11.47 20.84 -11.36
CA LEU A 45 -11.40 19.83 -10.31
C LEU A 45 -11.24 20.52 -8.95
N MET A 46 -10.32 21.49 -8.89
CA MET A 46 -10.00 22.18 -7.64
C MET A 46 -11.20 22.99 -7.16
N GLN A 47 -11.98 23.53 -8.10
CA GLN A 47 -13.15 24.34 -7.78
C GLN A 47 -14.35 23.47 -7.44
N GLY A 48 -14.19 22.15 -7.58
CA GLY A 48 -15.25 21.20 -7.30
C GLY A 48 -16.37 21.29 -8.35
N GLU A 49 -15.98 21.64 -9.57
CA GLU A 49 -16.92 21.85 -10.67
C GLU A 49 -17.14 20.56 -11.45
N ILE A 50 -16.32 19.54 -11.17
CA ILE A 50 -16.47 18.24 -11.80
C ILE A 50 -17.22 17.32 -10.86
N GLY A 51 -18.42 16.90 -11.27
CA GLY A 51 -19.24 15.96 -10.52
C GLY A 51 -18.58 14.58 -10.46
N ASP A 52 -19.04 13.76 -9.51
CA ASP A 52 -18.44 12.47 -9.22
C ASP A 52 -18.55 11.54 -10.43
N GLU A 53 -19.69 11.61 -11.14
CA GLU A 53 -19.96 10.74 -12.28
C GLU A 53 -18.93 11.01 -13.38
N GLU A 54 -18.67 12.29 -13.66
CA GLU A 54 -17.77 12.71 -14.71
C GLU A 54 -16.33 12.40 -14.31
N LEU A 55 -16.02 12.60 -13.03
CA LEU A 55 -14.68 12.38 -12.51
C LEU A 55 -14.32 10.89 -12.65
N SER A 56 -15.26 10.03 -12.24
CA SER A 56 -15.06 8.59 -12.31
C SER A 56 -14.86 8.14 -13.75
N LYS A 57 -15.69 8.70 -14.65
CA LYS A 57 -15.66 8.35 -16.07
C LYS A 57 -14.31 8.74 -16.68
N ARG A 58 -13.79 9.91 -16.30
CA ARG A 58 -12.54 10.41 -16.83
C ARG A 58 -11.37 9.56 -16.36
N ILE A 59 -11.40 9.15 -15.08
CA ILE A 59 -10.29 8.40 -14.51
C ILE A 59 -10.30 6.98 -15.06
N LYS A 60 -11.50 6.40 -15.22
CA LYS A 60 -11.65 5.07 -15.79
C LYS A 60 -11.03 5.00 -17.18
N GLU A 61 -11.20 6.07 -17.96
N GLU A 61 -11.22 6.07 -17.96
CA GLU A 61 -10.69 6.13 -19.32
CA GLU A 61 -10.70 6.16 -19.31
C GLU A 61 -9.15 6.15 -19.31
C GLU A 61 -9.17 6.14 -19.30
N ILE A 62 -8.58 6.82 -18.30
CA ILE A 62 -7.13 6.90 -18.16
C ILE A 62 -6.58 5.49 -17.90
N PHE A 63 -7.26 4.74 -17.02
CA PHE A 63 -6.84 3.39 -16.68
C PHE A 63 -7.05 2.44 -17.88
N GLY A 64 -8.12 2.69 -18.65
CA GLY A 64 -8.37 1.94 -19.87
C GLY A 64 -7.19 2.01 -20.84
N LYS A 65 -6.59 3.20 -20.96
CA LYS A 65 -5.46 3.43 -21.84
C LYS A 65 -4.20 2.71 -21.33
N ARG A 66 -4.10 2.57 -20.00
N ARG A 66 -4.08 2.58 -20.01
CA ARG A 66 -3.00 1.84 -19.39
CA ARG A 66 -2.98 1.84 -19.43
C ARG A 66 -3.09 0.35 -19.76
C ARG A 66 -3.09 0.36 -19.80
N LEU A 67 -4.32 -0.18 -19.78
CA LEU A 67 -4.56 -1.57 -20.14
C LEU A 67 -4.17 -1.81 -21.60
N GLN A 68 -4.47 -0.84 -22.47
CA GLN A 68 -4.15 -0.96 -23.88
C GLN A 68 -2.63 -0.95 -24.06
N TRP A 69 -1.95 -0.15 -23.23
CA TRP A 69 -0.50 -0.03 -23.22
C TRP A 69 0.15 -1.33 -22.78
N GLY A 70 -0.47 -2.02 -21.82
CA GLY A 70 0.17 -3.11 -21.11
C GLY A 70 -0.05 -4.50 -21.73
N TYR A 71 -1.22 -4.71 -22.34
CA TYR A 71 -1.56 -6.01 -22.90
C TYR A 71 -0.98 -6.16 -24.30
N LYS A 72 -0.25 -7.26 -24.53
CA LYS A 72 0.37 -7.55 -25.82
C LYS A 72 -0.42 -8.64 -26.55
N PRO A 73 -0.35 -8.71 -27.90
CA PRO A 73 -1.13 -9.66 -28.68
C PRO A 73 -0.77 -11.14 -28.52
N THR A 74 0.48 -11.42 -28.16
CA THR A 74 0.95 -12.79 -27.99
C THR A 74 1.65 -12.91 -26.64
N HIS A 75 1.72 -14.13 -26.11
CA HIS A 75 2.42 -14.37 -24.85
C HIS A 75 3.92 -14.13 -25.06
N GLN A 76 4.40 -14.41 -26.28
CA GLN A 76 5.79 -14.14 -26.63
C GLN A 76 6.09 -12.66 -26.38
N GLN A 77 5.21 -11.79 -26.90
CA GLN A 77 5.39 -10.35 -26.78
C GLN A 77 5.16 -9.91 -25.34
N GLN A 78 4.18 -10.53 -24.68
CA GLN A 78 3.88 -10.17 -23.30
C GLN A 78 5.10 -10.40 -22.41
N LEU A 79 5.73 -11.57 -22.55
CA LEU A 79 6.91 -11.91 -21.76
C LEU A 79 8.08 -11.01 -22.11
N ALA A 80 8.22 -10.65 -23.40
CA ALA A 80 9.29 -9.75 -23.81
C ALA A 80 9.13 -8.42 -23.09
N PHE A 81 7.89 -7.92 -23.07
CA PHE A 81 7.54 -6.65 -22.45
C PHE A 81 7.83 -6.73 -20.95
N ASN A 82 7.40 -7.83 -20.32
CA ASN A 82 7.52 -7.96 -18.88
C ASN A 82 8.99 -8.09 -18.46
N LEU A 83 9.77 -8.86 -19.23
CA LEU A 83 11.17 -9.08 -18.90
C LEU A 83 12.00 -7.80 -19.08
N ASP A 84 11.62 -6.98 -20.07
N ASP A 84 11.63 -6.99 -20.07
CA ASP A 84 12.28 -5.70 -20.26
CA ASP A 84 12.25 -5.69 -20.28
C ASP A 84 12.10 -4.83 -19.02
C ASP A 84 12.10 -4.85 -19.02
N PHE A 85 10.88 -4.84 -18.46
CA PHE A 85 10.58 -4.06 -17.27
C PHE A 85 11.43 -4.54 -16.10
N ILE A 86 11.50 -5.88 -15.92
N ILE A 86 11.44 -5.87 -15.90
CA ILE A 86 12.20 -6.50 -14.81
CA ILE A 86 12.20 -6.51 -14.82
C ILE A 86 13.70 -6.24 -14.91
C ILE A 86 13.67 -6.12 -14.94
N LYS A 87 14.22 -6.26 -16.15
CA LYS A 87 15.63 -5.95 -16.38
C LYS A 87 15.93 -4.49 -16.05
N SER A 88 14.99 -3.59 -16.37
CA SER A 88 15.18 -2.17 -16.11
C SER A 88 15.28 -1.91 -14.61
N LEU A 89 14.51 -2.66 -13.81
CA LEU A 89 14.52 -2.51 -12.36
C LEU A 89 15.88 -2.88 -11.80
N LYS A 90 16.55 -3.86 -12.42
CA LYS A 90 17.77 -4.41 -11.88
C LYS A 90 18.96 -3.48 -12.17
N GLU A 91 18.70 -2.38 -12.88
CA GLU A 91 19.72 -1.39 -13.21
C GLU A 91 19.57 -0.17 -12.31
N MET A 92 18.40 -0.04 -11.66
CA MET A 92 18.05 1.15 -10.89
C MET A 92 18.72 1.13 -9.51
N THR A 105 7.72 17.31 3.57
CA THR A 105 7.96 16.87 4.96
C THR A 105 6.68 17.02 5.77
N TYR A 106 5.67 17.66 5.17
CA TYR A 106 4.39 17.88 5.82
C TYR A 106 3.68 16.53 6.00
N GLU A 107 3.16 16.32 7.22
CA GLU A 107 2.41 15.12 7.56
C GLU A 107 1.04 15.53 8.10
N LEU A 108 0.00 14.81 7.64
CA LEU A 108 -1.36 15.04 8.09
C LEU A 108 -1.44 14.78 9.60
N PRO A 109 -2.16 15.64 10.36
CA PRO A 109 -2.42 15.39 11.77
C PRO A 109 -3.18 14.08 12.00
N SER A 110 -2.91 13.42 13.14
CA SER A 110 -3.46 12.12 13.43
C SER A 110 -4.99 12.19 13.55
N ALA A 111 -5.49 13.35 14.00
CA ALA A 111 -6.93 13.57 14.16
C ALA A 111 -7.62 13.53 12.80
N PHE A 112 -6.92 14.01 11.77
CA PHE A 112 -7.46 14.00 10.42
C PHE A 112 -7.49 12.56 9.90
N LEU A 113 -6.38 11.83 10.11
CA LEU A 113 -6.27 10.46 9.66
C LEU A 113 -7.38 9.62 10.28
N GLU A 114 -7.68 9.87 11.57
CA GLU A 114 -8.70 9.15 12.32
C GLU A 114 -10.09 9.43 11.74
N ALA A 115 -10.26 10.60 11.13
CA ALA A 115 -11.55 11.02 10.60
C ALA A 115 -11.78 10.42 9.21
N ALA A 116 -10.70 9.97 8.55
CA ALA A 116 -10.76 9.53 7.17
C ALA A 116 -10.64 8.01 7.05
N PHE A 117 -9.74 7.42 7.85
CA PHE A 117 -9.45 6.00 7.76
C PHE A 117 -10.18 5.24 8.86
N GLY A 118 -10.03 3.92 8.86
CA GLY A 118 -10.62 3.06 9.88
C GLY A 118 -9.91 3.21 11.22
N LYS A 119 -10.36 2.42 12.20
CA LYS A 119 -9.99 2.55 13.60
C LYS A 119 -8.47 2.50 13.78
N THR A 120 -7.78 1.60 13.08
CA THR A 120 -6.35 1.45 13.29
C THR A 120 -5.56 2.25 12.25
N ILE A 121 -6.28 3.05 11.45
CA ILE A 121 -5.70 3.92 10.42
C ILE A 121 -4.85 3.08 9.47
N LYS A 122 -5.40 1.94 9.03
CA LYS A 122 -4.73 1.11 8.05
C LYS A 122 -4.74 1.83 6.70
N GLN A 123 -3.57 1.93 6.08
CA GLN A 123 -3.40 2.66 4.83
C GLN A 123 -2.94 1.68 3.75
N SER A 124 -3.68 0.58 3.66
CA SER A 124 -3.45 -0.48 2.70
C SER A 124 -4.79 -1.17 2.46
N GLY A 125 -4.85 -2.03 1.44
CA GLY A 125 -6.08 -2.72 1.11
C GLY A 125 -6.56 -3.58 2.28
N CYS A 126 -7.88 -3.55 2.51
CA CYS A 126 -8.50 -4.33 3.57
C CYS A 126 -9.30 -5.47 2.93
N TYR A 127 -9.89 -6.34 3.77
CA TYR A 127 -10.55 -7.54 3.27
C TYR A 127 -12.00 -7.55 3.75
N PHE A 128 -12.93 -7.55 2.78
CA PHE A 128 -14.35 -7.40 3.06
C PHE A 128 -15.08 -8.71 2.74
N LYS A 129 -15.53 -9.39 3.79
CA LYS A 129 -16.26 -10.64 3.62
C LYS A 129 -17.63 -10.37 3.00
N ASP A 130 -18.33 -9.37 3.54
CA ASP A 130 -19.71 -9.07 3.17
C ASP A 130 -19.80 -7.67 2.55
N GLU A 131 -20.96 -7.38 1.96
CA GLU A 131 -21.24 -6.04 1.43
C GLU A 131 -21.45 -5.07 2.59
N THR A 132 -21.78 -5.61 3.77
CA THR A 132 -22.08 -4.80 4.93
C THR A 132 -20.88 -4.71 5.88
N THR A 133 -19.76 -5.36 5.52
CA THR A 133 -18.57 -5.31 6.35
C THR A 133 -18.13 -3.85 6.48
N THR A 134 -17.87 -3.41 7.72
CA THR A 134 -17.40 -2.06 7.98
C THR A 134 -15.89 -2.03 7.75
N ILE A 135 -15.34 -0.82 7.57
CA ILE A 135 -13.90 -0.67 7.39
C ILE A 135 -13.16 -1.18 8.62
N ASP A 136 -13.71 -0.97 9.82
CA ASP A 136 -13.07 -1.45 11.04
C ASP A 136 -12.97 -2.97 11.02
N GLU A 137 -14.05 -3.64 10.58
CA GLU A 137 -14.08 -5.09 10.49
C GLU A 137 -13.11 -5.58 9.40
N ALA A 138 -13.02 -4.82 8.31
CA ALA A 138 -12.20 -5.21 7.17
C ALA A 138 -10.72 -5.08 7.50
N GLU A 139 -10.35 -4.07 8.31
CA GLU A 139 -8.99 -3.94 8.79
C GLU A 139 -8.59 -5.18 9.59
N GLU A 140 -9.45 -5.60 10.51
CA GLU A 140 -9.17 -6.72 11.38
C GLU A 140 -9.01 -8.01 10.56
N ALA A 141 -9.90 -8.18 9.57
CA ALA A 141 -9.88 -9.35 8.70
C ALA A 141 -8.56 -9.44 7.92
N SER A 142 -8.07 -8.28 7.46
N SER A 142 -8.09 -8.28 7.46
N SER A 142 -8.08 -8.29 7.43
CA SER A 142 -6.83 -8.23 6.69
CA SER A 142 -6.84 -8.17 6.71
CA SER A 142 -6.82 -8.24 6.71
C SER A 142 -5.63 -8.55 7.58
C SER A 142 -5.66 -8.55 7.58
C SER A 142 -5.67 -8.63 7.63
N HIS A 143 -5.64 -8.04 8.83
CA HIS A 143 -4.62 -8.34 9.81
C HIS A 143 -4.56 -9.85 10.06
N GLU A 144 -5.74 -10.46 10.24
N GLU A 144 -5.73 -10.48 10.19
CA GLU A 144 -5.83 -11.89 10.48
CA GLU A 144 -5.82 -11.90 10.49
C GLU A 144 -5.23 -12.64 9.29
C GLU A 144 -5.35 -12.73 9.29
N LEU A 145 -5.62 -12.24 8.08
CA LEU A 145 -5.17 -12.89 6.85
C LEU A 145 -3.65 -12.88 6.76
N TYR A 146 -3.03 -11.74 7.09
CA TYR A 146 -1.58 -11.63 7.06
C TYR A 146 -0.97 -12.59 8.08
N CYS A 147 -1.57 -12.67 9.27
CA CYS A 147 -1.02 -13.53 10.31
C CYS A 147 -1.07 -15.00 9.90
N GLU A 148 -2.16 -15.42 9.24
N GLU A 148 -2.14 -15.39 9.20
CA GLU A 148 -2.29 -16.77 8.76
CA GLU A 148 -2.34 -16.76 8.73
C GLU A 148 -1.19 -17.03 7.72
C GLU A 148 -1.34 -17.11 7.63
N ARG A 149 -1.16 -16.19 6.68
CA ARG A 149 -0.33 -16.46 5.51
C ARG A 149 1.16 -16.34 5.82
N ALA A 150 1.52 -15.46 6.77
CA ALA A 150 2.90 -15.29 7.20
C ALA A 150 3.28 -16.30 8.28
N GLN A 151 2.33 -17.15 8.68
CA GLN A 151 2.56 -18.23 9.62
C GLN A 151 3.11 -17.69 10.94
N ILE A 152 2.46 -16.65 11.47
CA ILE A 152 2.84 -16.06 12.75
C ILE A 152 2.46 -17.05 13.85
N LYS A 153 3.41 -17.26 14.77
CA LYS A 153 3.23 -18.13 15.92
C LYS A 153 3.73 -17.39 17.17
N ASP A 154 3.07 -17.66 18.29
CA ASP A 154 3.44 -17.01 19.55
C ASP A 154 4.91 -17.31 19.85
N GLY A 155 5.66 -16.28 20.29
CA GLY A 155 7.04 -16.45 20.69
C GLY A 155 8.05 -15.96 19.65
N GLN A 156 7.57 -15.65 18.44
CA GLN A 156 8.48 -15.24 17.36
C GLN A 156 8.86 -13.77 17.50
N THR A 157 10.05 -13.42 16.98
CA THR A 157 10.41 -12.03 16.73
C THR A 157 9.88 -11.64 15.36
N VAL A 158 9.21 -10.47 15.30
CA VAL A 158 8.50 -10.04 14.10
C VAL A 158 8.94 -8.62 13.77
N LEU A 159 9.28 -8.38 12.49
CA LEU A 159 9.63 -7.05 12.01
C LEU A 159 8.61 -6.66 10.94
N ASP A 160 8.00 -5.48 11.09
CA ASP A 160 7.06 -4.95 10.11
C ASP A 160 7.67 -3.72 9.44
N ILE A 161 7.99 -3.85 8.14
CA ILE A 161 8.74 -2.83 7.43
C ILE A 161 7.78 -1.85 6.76
N GLY A 162 7.94 -0.56 7.08
CA GLY A 162 7.01 0.46 6.63
C GLY A 162 5.66 0.26 7.30
N CYS A 163 5.66 0.32 8.64
CA CYS A 163 4.55 -0.13 9.46
C CYS A 163 3.41 0.89 9.50
N GLY A 164 3.64 2.08 8.95
CA GLY A 164 2.60 3.11 8.92
C GLY A 164 2.17 3.49 10.34
N GLN A 165 0.85 3.49 10.59
CA GLN A 165 0.30 3.87 11.88
C GLN A 165 0.25 2.65 12.81
N GLY A 166 0.75 1.50 12.35
CA GLY A 166 1.11 0.39 13.22
C GLY A 166 -0.04 -0.57 13.54
N GLY A 167 -1.10 -0.55 12.74
CA GLY A 167 -2.24 -1.44 12.96
C GLY A 167 -1.85 -2.90 13.07
N LEU A 168 -0.96 -3.35 12.17
CA LEU A 168 -0.56 -4.75 12.14
C LEU A 168 0.35 -5.07 13.32
N VAL A 169 1.28 -4.14 13.63
CA VAL A 169 2.18 -4.29 14.77
C VAL A 169 1.37 -4.48 16.04
N LEU A 170 0.36 -3.61 16.24
CA LEU A 170 -0.47 -3.65 17.43
C LEU A 170 -1.32 -4.91 17.47
N HIS A 171 -1.81 -5.36 16.30
CA HIS A 171 -2.62 -6.56 16.21
C HIS A 171 -1.82 -7.78 16.66
N ILE A 172 -0.61 -7.93 16.11
CA ILE A 172 0.23 -9.09 16.43
C ILE A 172 0.63 -9.04 17.91
N ALA A 173 0.98 -7.85 18.41
CA ALA A 173 1.43 -7.72 19.78
C ALA A 173 0.34 -8.14 20.76
N GLN A 174 -0.92 -7.81 20.44
CA GLN A 174 -2.06 -8.08 21.31
C GLN A 174 -2.44 -9.56 21.25
N LYS A 175 -2.38 -10.14 20.05
CA LYS A 175 -2.83 -11.52 19.83
C LYS A 175 -1.79 -12.52 20.33
N TYR A 176 -0.50 -12.17 20.22
CA TYR A 176 0.58 -13.09 20.54
C TYR A 176 1.50 -12.41 21.56
N LYS A 177 1.20 -12.64 22.85
N LYS A 177 1.20 -12.64 22.85
CA LYS A 177 1.82 -11.89 23.94
CA LYS A 177 1.82 -11.89 23.94
C LYS A 177 3.31 -12.24 24.08
C LYS A 177 3.30 -12.25 24.09
N ASN A 178 3.70 -13.42 23.59
CA ASN A 178 5.09 -13.86 23.70
C ASN A 178 5.91 -13.46 22.48
N CYS A 179 5.25 -12.90 21.45
CA CYS A 179 5.98 -12.34 20.33
C CYS A 179 6.61 -11.01 20.75
N HIS A 180 7.82 -10.73 20.25
N HIS A 180 7.74 -10.68 20.13
CA HIS A 180 8.30 -9.36 20.26
CA HIS A 180 8.38 -9.37 20.24
C HIS A 180 8.13 -8.81 18.86
C HIS A 180 8.32 -8.69 18.88
N VAL A 181 7.48 -7.65 18.78
CA VAL A 181 7.10 -7.05 17.51
C VAL A 181 7.81 -5.71 17.35
N THR A 182 8.53 -5.55 16.24
CA THR A 182 9.20 -4.30 15.93
C THR A 182 8.59 -3.72 14.66
N GLY A 183 8.17 -2.45 14.73
CA GLY A 183 7.80 -1.71 13.53
C GLY A 183 8.98 -0.87 13.06
N LEU A 184 9.11 -0.70 11.74
CA LEU A 184 10.13 0.17 11.19
C LEU A 184 9.45 1.20 10.28
N THR A 185 9.69 2.48 10.57
CA THR A 185 9.07 3.58 9.83
C THR A 185 10.08 4.72 9.69
N ASN A 186 9.90 5.53 8.64
CA ASN A 186 10.77 6.67 8.38
C ASN A 186 10.13 7.94 8.95
N SER A 187 8.99 7.78 9.63
CA SER A 187 8.20 8.91 10.11
C SER A 187 8.23 8.96 11.64
N LYS A 188 8.73 10.09 12.17
CA LYS A 188 8.80 10.31 13.61
C LYS A 188 7.38 10.36 14.17
N ALA A 189 6.48 11.00 13.42
CA ALA A 189 5.08 11.13 13.81
C ALA A 189 4.45 9.75 13.97
N GLN A 190 4.76 8.83 13.04
CA GLN A 190 4.20 7.49 13.06
C GLN A 190 4.75 6.71 14.25
N LYS A 191 6.06 6.82 14.49
CA LYS A 191 6.69 6.16 15.63
C LYS A 191 5.98 6.60 16.92
N ASN A 192 5.79 7.91 17.07
CA ASN A 192 5.20 8.48 18.28
C ASN A 192 3.77 7.96 18.48
N TYR A 193 3.02 7.84 17.38
CA TYR A 193 1.64 7.38 17.43
C TYR A 193 1.58 5.93 17.89
N ILE A 194 2.46 5.08 17.33
CA ILE A 194 2.45 3.66 17.64
C ILE A 194 2.79 3.46 19.12
N LEU A 195 3.81 4.17 19.60
CA LEU A 195 4.26 3.98 20.98
C LEU A 195 3.17 4.43 21.96
N MET A 196 2.47 5.51 21.60
CA MET A 196 1.36 5.98 22.41
C MET A 196 0.27 4.92 22.46
N GLN A 197 -0.08 4.33 21.30
CA GLN A 197 -1.14 3.34 21.25
C GLN A 197 -0.74 2.10 22.06
N ALA A 198 0.53 1.72 21.99
CA ALA A 198 1.00 0.53 22.71
C ALA A 198 0.85 0.75 24.22
N GLU A 199 1.12 1.98 24.66
CA GLU A 199 1.01 2.34 26.07
C GLU A 199 -0.45 2.26 26.51
N LYS A 200 -1.35 2.76 25.66
N LYS A 200 -1.36 2.77 25.67
CA LYS A 200 -2.78 2.81 25.97
CA LYS A 200 -2.79 2.80 25.98
C LYS A 200 -3.36 1.39 26.01
C LYS A 200 -3.32 1.37 26.06
N LEU A 201 -2.79 0.49 25.21
CA LEU A 201 -3.28 -0.88 25.11
C LEU A 201 -2.57 -1.82 26.08
N GLN A 202 -1.68 -1.27 26.92
CA GLN A 202 -0.95 -2.04 27.94
C GLN A 202 -0.12 -3.13 27.27
N LEU A 203 0.53 -2.79 26.15
CA LEU A 203 1.40 -3.73 25.45
C LEU A 203 2.84 -3.47 25.85
N SER A 204 3.58 -4.55 26.14
CA SER A 204 4.94 -4.42 26.60
C SER A 204 5.93 -5.02 25.60
N ASN A 205 5.40 -5.45 24.44
CA ASN A 205 6.16 -6.26 23.49
C ASN A 205 6.32 -5.55 22.15
N VAL A 206 6.24 -4.21 22.16
CA VAL A 206 6.30 -3.41 20.95
C VAL A 206 7.49 -2.47 21.02
N ASP A 207 8.26 -2.41 19.92
CA ASP A 207 9.23 -1.34 19.75
C ASP A 207 9.15 -0.83 18.32
N VAL A 208 9.70 0.37 18.09
CA VAL A 208 9.67 0.99 16.78
C VAL A 208 11.06 1.49 16.45
N ILE A 209 11.55 1.11 15.26
CA ILE A 209 12.78 1.63 14.70
C ILE A 209 12.42 2.81 13.78
N LEU A 210 13.03 3.97 14.04
CA LEU A 210 12.92 5.10 13.15
C LEU A 210 14.12 5.09 12.20
N ALA A 211 13.84 4.78 10.92
CA ALA A 211 14.90 4.65 9.93
C ALA A 211 14.33 4.67 8.52
N ASP A 212 15.14 5.17 7.57
CA ASP A 212 14.97 4.85 6.17
C ASP A 212 15.48 3.43 5.96
N VAL A 213 14.60 2.53 5.52
CA VAL A 213 14.93 1.11 5.47
C VAL A 213 16.11 0.88 4.53
N THR A 214 16.26 1.75 3.52
CA THR A 214 17.30 1.59 2.52
C THR A 214 18.67 1.93 3.10
N LYS A 215 18.69 2.56 4.27
CA LYS A 215 19.93 3.02 4.90
C LYS A 215 20.18 2.27 6.20
N HIS A 216 19.15 1.59 6.73
CA HIS A 216 19.21 0.94 8.03
C HIS A 216 20.21 -0.22 8.00
N GLU A 217 21.15 -0.20 8.94
CA GLU A 217 22.14 -1.25 9.08
C GLU A 217 21.99 -1.87 10.48
N SER A 218 21.92 -3.20 10.52
CA SER A 218 21.80 -3.93 11.78
C SER A 218 22.20 -5.40 11.59
N ASP A 219 22.72 -6.00 12.66
CA ASP A 219 23.10 -7.41 12.66
C ASP A 219 21.96 -8.26 13.19
N LYS A 220 20.89 -7.61 13.67
CA LYS A 220 19.75 -8.28 14.28
C LYS A 220 19.00 -9.07 13.21
N THR A 221 18.51 -10.26 13.61
CA THR A 221 17.69 -11.07 12.73
C THR A 221 16.32 -11.30 13.37
N TYR A 222 15.34 -11.69 12.54
CA TYR A 222 13.95 -11.82 12.96
C TYR A 222 13.39 -13.13 12.39
N ASP A 223 12.49 -13.75 13.16
CA ASP A 223 11.81 -14.96 12.73
C ASP A 223 10.85 -14.67 11.58
N ARG A 224 10.25 -13.49 11.58
CA ARG A 224 9.25 -13.13 10.59
C ARG A 224 9.45 -11.68 10.18
N ILE A 225 9.47 -11.43 8.87
CA ILE A 225 9.54 -10.08 8.33
C ILE A 225 8.32 -9.89 7.45
N LEU A 226 7.60 -8.79 7.68
N LEU A 226 7.56 -8.81 7.67
CA LEU A 226 6.39 -8.46 6.94
CA LEU A 226 6.36 -8.51 6.90
C LEU A 226 6.64 -7.16 6.18
C LEU A 226 6.49 -7.15 6.22
N VAL A 227 6.20 -7.13 4.92
CA VAL A 227 6.31 -5.92 4.11
C VAL A 227 4.96 -5.70 3.44
N ILE A 228 4.14 -4.80 4.00
CA ILE A 228 2.76 -4.65 3.55
C ILE A 228 2.66 -3.34 2.74
N GLU A 229 2.58 -3.49 1.41
CA GLU A 229 2.37 -2.37 0.51
C GLU A 229 3.43 -1.29 0.70
N THR A 230 4.67 -1.71 0.94
CA THR A 230 5.80 -0.81 1.09
C THR A 230 6.74 -0.96 -0.10
N ILE A 231 6.78 -2.16 -0.70
CA ILE A 231 7.75 -2.43 -1.75
C ILE A 231 7.46 -1.58 -2.99
N GLU A 232 6.22 -1.08 -3.11
N GLU A 232 6.22 -1.06 -3.07
CA GLU A 232 5.82 -0.23 -4.22
CA GLU A 232 5.76 -0.22 -4.18
C GLU A 232 6.66 1.04 -4.25
C GLU A 232 6.49 1.12 -4.18
N HIS A 233 7.21 1.42 -3.09
CA HIS A 233 7.93 2.68 -2.94
C HIS A 233 9.44 2.47 -3.05
N MET A 234 9.88 1.23 -3.29
CA MET A 234 11.29 0.91 -3.23
C MET A 234 11.95 1.18 -4.58
N LYS A 235 13.01 1.99 -4.54
CA LYS A 235 13.72 2.41 -5.74
C LYS A 235 14.54 1.25 -6.29
N ASN A 236 15.09 0.43 -5.38
CA ASN A 236 15.99 -0.65 -5.76
C ASN A 236 15.56 -1.94 -5.07
N ILE A 237 14.83 -2.79 -5.80
CA ILE A 237 14.15 -3.94 -5.21
C ILE A 237 15.13 -5.08 -4.96
N GLN A 238 16.04 -5.32 -5.90
CA GLN A 238 17.01 -6.40 -5.78
C GLN A 238 17.87 -6.21 -4.52
N LEU A 239 18.26 -4.95 -4.28
N LEU A 239 18.24 -4.95 -4.25
CA LEU A 239 19.06 -4.56 -3.13
CA LEU A 239 19.07 -4.65 -3.09
C LEU A 239 18.19 -4.70 -1.87
C LEU A 239 18.22 -4.59 -1.83
N PHE A 240 16.92 -4.33 -1.99
CA PHE A 240 15.97 -4.36 -0.88
C PHE A 240 15.82 -5.80 -0.39
N MET A 241 15.57 -6.73 -1.31
CA MET A 241 15.40 -8.13 -0.97
C MET A 241 16.70 -8.70 -0.39
N LYS A 242 17.84 -8.24 -0.92
CA LYS A 242 19.13 -8.69 -0.41
C LYS A 242 19.29 -8.26 1.04
N LYS A 243 18.95 -6.99 1.33
CA LYS A 243 19.07 -6.46 2.68
C LYS A 243 18.18 -7.26 3.63
N LEU A 244 16.93 -7.51 3.22
CA LEU A 244 15.98 -8.26 4.02
C LEU A 244 16.55 -9.65 4.35
N SER A 245 17.22 -10.28 3.39
CA SER A 245 17.74 -11.62 3.60
C SER A 245 18.82 -11.63 4.69
N THR A 246 19.54 -10.51 4.86
CA THR A 246 20.60 -10.44 5.85
C THR A 246 20.01 -10.32 7.26
N TRP A 247 18.70 -10.05 7.32
CA TRP A 247 18.00 -9.91 8.59
C TRP A 247 17.18 -11.16 8.90
N MET A 248 17.44 -12.23 8.14
CA MET A 248 16.76 -13.50 8.30
C MET A 248 17.77 -14.58 8.67
N THR A 249 17.28 -15.63 9.35
CA THR A 249 18.04 -16.86 9.53
C THR A 249 17.40 -17.95 8.68
N GLU A 250 17.93 -19.17 8.78
CA GLU A 250 17.43 -20.30 7.99
C GLU A 250 16.01 -20.68 8.40
N ASP A 251 15.56 -20.19 9.57
CA ASP A 251 14.26 -20.54 10.09
C ASP A 251 13.24 -19.43 9.81
N SER A 252 13.68 -18.31 9.24
CA SER A 252 12.85 -17.14 9.07
C SER A 252 11.93 -17.28 7.85
N LEU A 253 10.82 -16.54 7.88
CA LEU A 253 9.97 -16.35 6.72
C LEU A 253 9.78 -14.86 6.46
N LEU A 254 9.63 -14.52 5.17
CA LEU A 254 9.38 -13.17 4.72
C LEU A 254 8.04 -13.17 3.98
N PHE A 255 7.16 -12.23 4.35
CA PHE A 255 5.87 -12.09 3.70
C PHE A 255 5.76 -10.70 3.09
N VAL A 256 5.44 -10.66 1.78
CA VAL A 256 5.32 -9.39 1.05
C VAL A 256 3.92 -9.31 0.46
N ASP A 257 3.30 -8.12 0.58
CA ASP A 257 2.01 -7.81 0.00
C ASP A 257 2.19 -6.53 -0.81
N HIS A 258 1.74 -6.53 -2.08
CA HIS A 258 1.90 -5.34 -2.91
C HIS A 258 0.75 -5.21 -3.90
N ILE A 259 0.35 -3.96 -4.17
N ILE A 259 0.39 -3.95 -4.21
CA ILE A 259 -0.59 -3.73 -5.25
CA ILE A 259 -0.53 -3.62 -5.29
C ILE A 259 0.07 -4.18 -6.55
C ILE A 259 0.09 -4.11 -6.61
N CYS A 260 -0.73 -4.74 -7.45
CA CYS A 260 -0.22 -5.32 -8.67
C CYS A 260 -1.22 -5.14 -9.81
N HIS A 261 -0.75 -5.43 -11.03
CA HIS A 261 -1.64 -5.80 -12.12
C HIS A 261 -1.39 -7.28 -12.38
N LYS A 262 -2.42 -7.99 -12.86
N LYS A 262 -2.42 -8.01 -12.80
CA LYS A 262 -2.36 -9.44 -12.95
CA LYS A 262 -2.28 -9.44 -12.92
C LYS A 262 -1.49 -9.91 -14.12
C LYS A 262 -1.24 -9.81 -13.98
N THR A 263 -1.14 -8.99 -15.04
CA THR A 263 -0.43 -9.37 -16.26
C THR A 263 0.89 -8.64 -16.43
N PHE A 264 0.89 -7.31 -16.22
CA PHE A 264 2.06 -6.51 -16.54
C PHE A 264 2.44 -5.59 -15.37
N SER A 265 3.64 -5.03 -15.46
CA SER A 265 4.15 -4.05 -14.51
C SER A 265 4.10 -2.67 -15.13
N HIS A 266 4.03 -1.63 -14.29
CA HIS A 266 4.14 -0.26 -14.79
C HIS A 266 4.48 0.70 -13.65
N HIS A 267 5.19 1.78 -13.99
CA HIS A 267 5.35 2.89 -13.06
C HIS A 267 4.03 3.65 -12.99
N PHE A 268 3.76 4.25 -11.84
CA PHE A 268 2.56 5.06 -11.68
C PHE A 268 2.88 6.47 -12.18
N GLU A 269 2.58 6.70 -13.46
CA GLU A 269 2.96 7.92 -14.15
C GLU A 269 2.11 8.04 -15.42
N ALA A 270 2.10 9.24 -16.00
CA ALA A 270 1.27 9.51 -17.18
C ALA A 270 1.85 8.80 -18.39
N ILE A 271 0.96 8.19 -19.19
CA ILE A 271 1.33 7.69 -20.50
C ILE A 271 1.46 8.87 -21.46
N ASP A 272 0.40 9.66 -21.55
CA ASP A 272 0.30 10.74 -22.52
C ASP A 272 -0.02 12.05 -21.81
N GLU A 273 -0.24 13.10 -22.60
CA GLU A 273 -0.54 14.44 -22.11
C GLU A 273 -1.97 14.51 -21.57
N ASP A 274 -2.81 13.54 -21.98
CA ASP A 274 -4.22 13.54 -21.61
C ASP A 274 -4.41 13.06 -20.16
N ASP A 275 -3.36 12.46 -19.58
CA ASP A 275 -3.44 11.94 -18.22
C ASP A 275 -3.02 13.02 -17.23
N TRP A 276 -4.02 13.67 -16.62
CA TRP A 276 -3.81 14.66 -15.58
C TRP A 276 -3.74 13.98 -14.22
N TYR A 277 -4.22 12.72 -14.14
CA TYR A 277 -4.49 12.04 -12.88
C TYR A 277 -3.19 11.59 -12.21
N SER A 278 -2.34 10.87 -12.95
CA SER A 278 -1.19 10.20 -12.37
C SER A 278 -0.26 11.18 -11.65
N GLY A 279 0.01 12.31 -12.30
CA GLY A 279 0.93 13.32 -11.79
C GLY A 279 0.33 14.13 -10.65
N PHE A 280 -1.01 14.20 -10.62
CA PHE A 280 -1.72 14.89 -9.55
C PHE A 280 -1.60 14.09 -8.25
N ILE A 281 -1.75 12.76 -8.36
CA ILE A 281 -1.80 11.89 -7.20
C ILE A 281 -0.40 11.67 -6.65
N PHE A 282 0.53 11.29 -7.54
CA PHE A 282 1.93 11.12 -7.18
C PHE A 282 2.77 12.06 -8.04
N PRO A 283 2.98 13.32 -7.60
CA PRO A 283 3.83 14.27 -8.32
C PRO A 283 5.29 13.82 -8.42
N LYS A 284 5.62 12.76 -7.69
CA LYS A 284 6.93 12.16 -7.66
C LYS A 284 6.85 10.74 -8.21
N GLY A 285 7.70 10.43 -9.18
CA GLY A 285 7.77 9.11 -9.78
C GLY A 285 8.41 8.10 -8.83
N CYS A 286 7.66 7.71 -7.79
CA CYS A 286 8.19 6.91 -6.70
C CYS A 286 7.33 5.68 -6.43
N VAL A 287 6.33 5.44 -7.30
CA VAL A 287 5.42 4.32 -7.10
C VAL A 287 5.50 3.40 -8.32
N THR A 288 5.78 2.11 -8.06
CA THR A 288 5.84 1.08 -9.08
C THR A 288 4.75 0.05 -8.80
N ILE A 289 3.98 -0.29 -9.84
CA ILE A 289 2.98 -1.33 -9.76
C ILE A 289 3.54 -2.57 -10.46
N LEU A 290 4.03 -3.52 -9.66
CA LEU A 290 4.59 -4.75 -10.19
C LEU A 290 3.45 -5.64 -10.68
N SER A 291 3.75 -6.47 -11.69
CA SER A 291 2.82 -7.54 -12.06
C SER A 291 2.71 -8.52 -10.90
N ALA A 292 1.67 -9.34 -10.93
CA ALA A 292 1.43 -10.30 -9.84
C ALA A 292 2.57 -11.30 -9.68
N SER A 293 3.39 -11.46 -10.74
N SER A 293 3.38 -11.48 -10.74
CA SER A 293 4.44 -12.48 -10.75
CA SER A 293 4.44 -12.49 -10.72
C SER A 293 5.84 -11.87 -10.74
C SER A 293 5.84 -11.86 -10.79
N ALA A 294 5.92 -10.53 -10.74
CA ALA A 294 7.19 -9.82 -10.88
C ALA A 294 8.23 -10.26 -9.85
N LEU A 295 7.81 -10.47 -8.59
CA LEU A 295 8.77 -10.79 -7.55
C LEU A 295 9.37 -12.18 -7.70
N LEU A 296 8.77 -13.02 -8.57
CA LEU A 296 9.32 -14.34 -8.84
C LEU A 296 10.70 -14.21 -9.47
N TYR A 297 11.00 -13.05 -10.06
CA TYR A 297 12.27 -12.84 -10.75
C TYR A 297 13.31 -12.21 -9.83
N PHE A 298 12.96 -12.08 -8.55
CA PHE A 298 13.86 -11.46 -7.58
C PHE A 298 14.19 -12.46 -6.46
N GLN A 299 14.61 -13.67 -6.86
CA GLN A 299 14.91 -14.74 -5.92
C GLN A 299 16.41 -15.02 -5.89
N ASP A 300 17.23 -13.96 -5.97
CA ASP A 300 18.67 -14.09 -5.82
C ASP A 300 19.01 -14.50 -4.38
N ASP A 301 18.24 -13.99 -3.41
CA ASP A 301 18.64 -14.04 -2.01
C ASP A 301 17.57 -14.71 -1.16
N VAL A 302 16.36 -14.88 -1.72
CA VAL A 302 15.25 -15.53 -1.04
C VAL A 302 14.62 -16.51 -2.03
N THR A 303 13.86 -17.48 -1.50
CA THR A 303 13.21 -18.52 -2.31
C THR A 303 11.72 -18.54 -1.99
N ILE A 304 10.89 -18.61 -3.03
CA ILE A 304 9.43 -18.55 -2.86
C ILE A 304 8.91 -19.86 -2.28
N LEU A 305 7.92 -19.75 -1.37
CA LEU A 305 7.23 -20.88 -0.77
C LEU A 305 5.75 -20.88 -1.16
N ASP A 306 5.14 -19.69 -1.27
CA ASP A 306 3.74 -19.63 -1.64
C ASP A 306 3.45 -18.26 -2.26
N HIS A 307 2.32 -18.19 -2.98
CA HIS A 307 1.98 -17.05 -3.81
C HIS A 307 0.45 -17.01 -3.92
N TRP A 308 -0.13 -15.83 -3.62
CA TRP A 308 -1.57 -15.63 -3.72
C TRP A 308 -1.84 -14.28 -4.37
N VAL A 309 -3.08 -14.09 -4.84
CA VAL A 309 -3.60 -12.76 -5.12
C VAL A 309 -4.96 -12.62 -4.47
N VAL A 310 -5.29 -11.37 -4.12
CA VAL A 310 -6.60 -11.00 -3.58
C VAL A 310 -7.25 -10.09 -4.62
N ASN A 311 -8.47 -10.45 -5.03
CA ASN A 311 -9.26 -9.73 -6.03
C ASN A 311 -9.36 -8.24 -5.65
N GLY A 312 -9.34 -7.39 -6.68
CA GLY A 312 -9.23 -5.94 -6.53
C GLY A 312 -10.46 -5.29 -5.89
N MET A 313 -11.59 -6.01 -5.84
CA MET A 313 -12.79 -5.44 -5.25
C MET A 313 -12.60 -5.13 -3.76
N HIS A 314 -11.70 -5.87 -3.10
CA HIS A 314 -11.38 -5.61 -1.70
C HIS A 314 -10.73 -4.22 -1.56
N MET A 315 -9.74 -3.94 -2.42
CA MET A 315 -9.11 -2.63 -2.41
C MET A 315 -10.14 -1.55 -2.76
N ALA A 316 -10.98 -1.83 -3.76
CA ALA A 316 -11.99 -0.87 -4.20
C ALA A 316 -12.94 -0.52 -3.05
N ARG A 317 -13.37 -1.55 -2.30
CA ARG A 317 -14.24 -1.35 -1.15
C ARG A 317 -13.53 -0.55 -0.07
N SER A 318 -12.20 -0.71 0.04
CA SER A 318 -11.41 -0.01 1.04
C SER A 318 -11.42 1.49 0.77
N VAL A 319 -11.06 1.88 -0.46
CA VAL A 319 -10.94 3.29 -0.82
C VAL A 319 -12.33 3.93 -0.82
N ASP A 320 -13.35 3.13 -1.15
CA ASP A 320 -14.73 3.61 -1.12
C ASP A 320 -15.13 3.98 0.31
N ALA A 321 -14.72 3.13 1.27
CA ALA A 321 -15.05 3.35 2.67
C ALA A 321 -14.36 4.60 3.19
N TRP A 322 -13.10 4.82 2.78
CA TRP A 322 -12.36 6.00 3.21
C TRP A 322 -13.01 7.26 2.65
N ARG A 323 -13.42 7.20 1.37
CA ARG A 323 -14.01 8.33 0.68
C ARG A 323 -15.32 8.71 1.37
N LYS A 324 -16.13 7.70 1.69
CA LYS A 324 -17.43 7.91 2.31
C LYS A 324 -17.27 8.49 3.72
N LYS A 325 -16.25 8.02 4.44
CA LYS A 325 -16.00 8.45 5.81
C LYS A 325 -15.50 9.90 5.81
N LEU A 326 -14.61 10.23 4.87
CA LEU A 326 -14.11 11.59 4.71
C LEU A 326 -15.26 12.54 4.39
N ASP A 327 -16.16 12.09 3.49
CA ASP A 327 -17.32 12.88 3.09
C ASP A 327 -18.20 13.17 4.30
N LYS A 328 -18.38 12.17 5.17
CA LYS A 328 -19.23 12.28 6.35
C LYS A 328 -18.63 13.26 7.35
N ASN A 329 -17.30 13.27 7.46
CA ASN A 329 -16.60 14.07 8.46
C ASN A 329 -15.93 15.27 7.79
N MET A 330 -16.52 15.76 6.70
CA MET A 330 -15.90 16.77 5.85
C MET A 330 -15.67 18.06 6.64
N GLU A 331 -16.73 18.51 7.34
CA GLU A 331 -16.70 19.75 8.10
C GLU A 331 -15.65 19.67 9.20
N LEU A 332 -15.60 18.52 9.89
CA LEU A 332 -14.65 18.25 10.95
C LEU A 332 -13.22 18.24 10.38
N ALA A 333 -13.06 17.62 9.20
CA ALA A 333 -11.76 17.48 8.57
C ALA A 333 -11.18 18.85 8.23
N ARG A 334 -12.03 19.75 7.72
CA ARG A 334 -11.61 21.08 7.29
C ARG A 334 -11.11 21.88 8.49
N GLU A 335 -11.76 21.67 9.65
CA GLU A 335 -11.43 22.38 10.88
C GLU A 335 -10.10 21.88 11.44
N ILE A 336 -9.86 20.56 11.34
CA ILE A 336 -8.65 19.94 11.85
C ILE A 336 -7.44 20.44 11.05
N LEU A 337 -7.61 20.57 9.73
CA LEU A 337 -6.50 20.81 8.82
C LEU A 337 -6.10 22.29 8.82
N LEU A 338 -7.04 23.17 9.19
CA LEU A 338 -6.88 24.59 9.00
C LEU A 338 -5.64 25.14 9.72
N PRO A 339 -5.43 24.86 11.03
CA PRO A 339 -4.26 25.37 11.74
C PRO A 339 -2.93 25.13 11.05
N GLY A 340 -2.67 23.88 10.66
CA GLY A 340 -1.37 23.46 10.19
C GLY A 340 -1.15 23.74 8.70
N LEU A 341 -2.19 24.26 8.03
CA LEU A 341 -2.12 24.49 6.59
C LEU A 341 -2.15 25.99 6.27
N GLY A 342 -2.87 26.77 7.08
CA GLY A 342 -2.76 28.22 7.03
C GLY A 342 -3.98 28.89 6.41
N SER A 343 -4.52 28.29 5.34
CA SER A 343 -5.63 28.88 4.60
C SER A 343 -6.66 27.82 4.23
N LYS A 344 -7.92 28.25 4.06
CA LYS A 344 -9.02 27.39 3.65
C LYS A 344 -8.78 26.86 2.24
N GLU A 345 -8.01 27.62 1.45
CA GLU A 345 -7.67 27.26 0.08
C GLU A 345 -6.71 26.08 0.09
N ALA A 346 -5.79 26.06 1.06
CA ALA A 346 -4.79 25.01 1.20
C ALA A 346 -5.46 23.74 1.72
N VAL A 347 -6.46 23.91 2.60
CA VAL A 347 -7.22 22.80 3.17
C VAL A 347 -8.00 22.11 2.06
N ASN A 348 -8.69 22.90 1.23
CA ASN A 348 -9.51 22.38 0.15
C ASN A 348 -8.65 21.60 -0.84
N GLY A 349 -7.41 22.06 -1.04
CA GLY A 349 -6.47 21.42 -1.96
C GLY A 349 -6.09 20.02 -1.47
N VAL A 350 -5.74 19.92 -0.19
CA VAL A 350 -5.32 18.66 0.42
C VAL A 350 -6.48 17.67 0.39
N ILE A 351 -7.70 18.17 0.65
CA ILE A 351 -8.89 17.34 0.69
C ILE A 351 -9.22 16.84 -0.73
N THR A 352 -9.07 17.73 -1.73
CA THR A 352 -9.36 17.38 -3.12
C THR A 352 -8.43 16.26 -3.56
N HIS A 353 -7.16 16.34 -3.13
CA HIS A 353 -6.12 15.39 -3.51
C HIS A 353 -6.45 14.00 -2.96
N ILE A 354 -6.84 13.96 -1.68
CA ILE A 354 -7.12 12.69 -0.99
C ILE A 354 -8.40 12.09 -1.55
N ARG A 355 -9.40 12.94 -1.79
CA ARG A 355 -10.70 12.47 -2.25
C ARG A 355 -10.58 11.92 -3.67
N THR A 356 -9.76 12.58 -4.51
CA THR A 356 -9.57 12.18 -5.90
C THR A 356 -8.80 10.86 -5.94
N PHE A 357 -7.85 10.69 -5.02
CA PHE A 357 -7.09 9.46 -4.87
C PHE A 357 -8.05 8.30 -4.64
N CYS A 358 -9.06 8.51 -3.78
CA CYS A 358 -10.04 7.48 -3.46
C CYS A 358 -10.96 7.20 -4.66
N MET A 359 -11.40 8.25 -5.34
CA MET A 359 -12.28 8.12 -6.50
C MET A 359 -11.54 7.35 -7.61
N GLY A 360 -10.26 7.69 -7.80
CA GLY A 360 -9.44 7.07 -8.84
C GLY A 360 -9.10 5.62 -8.49
N GLY A 361 -8.77 5.39 -7.22
CA GLY A 361 -8.46 4.06 -6.73
C GLY A 361 -9.64 3.12 -6.95
N TYR A 362 -10.85 3.66 -6.77
CA TYR A 362 -12.06 2.87 -6.94
C TYR A 362 -12.15 2.37 -8.39
N GLU A 363 -11.90 3.27 -9.34
CA GLU A 363 -12.01 2.95 -10.76
C GLU A 363 -10.93 1.93 -11.14
N GLN A 364 -9.73 2.11 -10.58
CA GLN A 364 -8.60 1.25 -10.89
C GLN A 364 -8.86 -0.18 -10.42
N PHE A 365 -9.22 -0.33 -9.14
CA PHE A 365 -9.27 -1.65 -8.53
C PHE A 365 -10.57 -2.39 -8.85
N SER A 366 -11.63 -1.65 -9.19
CA SER A 366 -12.91 -2.27 -9.51
C SER A 366 -12.98 -2.65 -10.98
N TYR A 367 -11.99 -2.22 -11.78
CA TYR A 367 -11.99 -2.44 -13.22
C TYR A 367 -12.17 -3.94 -13.50
N ASN A 368 -13.17 -4.28 -14.32
CA ASN A 368 -13.46 -5.66 -14.71
C ASN A 368 -13.67 -6.54 -13.48
N ASN A 369 -14.45 -6.03 -12.52
N ASN A 369 -14.45 -6.04 -12.51
CA ASN A 369 -14.84 -6.74 -11.31
CA ASN A 369 -14.84 -6.79 -11.32
C ASN A 369 -13.61 -7.21 -10.54
C ASN A 369 -13.62 -7.19 -10.49
N GLY A 370 -12.58 -6.35 -10.50
CA GLY A 370 -11.41 -6.58 -9.65
C GLY A 370 -10.37 -7.50 -10.28
N GLU A 371 -10.49 -7.73 -11.60
CA GLU A 371 -9.65 -8.71 -12.28
C GLU A 371 -8.59 -8.04 -13.16
N GLU A 372 -8.22 -6.79 -12.84
CA GLU A 372 -7.11 -6.13 -13.52
C GLU A 372 -6.05 -5.79 -12.49
N TRP A 373 -6.29 -4.71 -11.73
CA TRP A 373 -5.43 -4.36 -10.61
C TRP A 373 -5.97 -5.01 -9.35
N MET A 374 -5.05 -5.56 -8.56
CA MET A 374 -5.41 -6.33 -7.38
C MET A 374 -4.23 -6.30 -6.41
N VAL A 375 -4.21 -7.24 -5.46
CA VAL A 375 -3.12 -7.30 -4.50
C VAL A 375 -2.45 -8.67 -4.61
N ALA A 376 -1.11 -8.67 -4.67
CA ALA A 376 -0.35 -9.91 -4.72
C ALA A 376 0.32 -10.13 -3.36
N GLN A 377 0.40 -11.40 -2.94
CA GLN A 377 1.07 -11.75 -1.70
C GLN A 377 2.01 -12.92 -1.96
N MET A 378 3.19 -12.86 -1.34
N MET A 378 3.17 -12.91 -1.28
CA MET A 378 4.17 -13.93 -1.49
CA MET A 378 4.20 -13.91 -1.50
C MET A 378 4.82 -14.23 -0.14
C MET A 378 4.93 -14.22 -0.19
N LEU A 379 5.16 -15.51 0.05
CA LEU A 379 5.90 -15.98 1.21
C LEU A 379 7.23 -16.56 0.74
N PHE A 380 8.32 -16.16 1.41
CA PHE A 380 9.67 -16.58 1.03
C PHE A 380 10.43 -17.07 2.26
N LYS A 381 11.43 -17.92 2.00
CA LYS A 381 12.46 -18.23 2.98
C LYS A 381 13.79 -17.73 2.45
N LYS A 382 14.81 -17.73 3.31
CA LYS A 382 16.15 -17.32 2.90
C LYS A 382 16.77 -18.44 2.07
N LYS A 383 17.64 -18.06 1.13
CA LYS A 383 18.48 -19.03 0.44
C LYS A 383 19.22 -19.91 1.47
N SAM B . 2.18 -1.17 6.06
CA SAM B . 1.34 -0.01 6.44
C SAM B . -0.16 -0.34 6.27
O SAM B . -0.44 -1.46 5.78
OXT SAM B . -0.99 0.51 6.65
CB SAM B . 1.68 1.23 5.59
CG SAM B . 1.58 1.05 4.09
SD SAM B . 2.10 2.63 3.41
CE SAM B . 1.47 2.62 1.74
C5' SAM B . 3.86 2.29 3.16
C4' SAM B . 4.69 2.90 4.26
O4' SAM B . 6.10 2.76 3.96
C3' SAM B . 4.45 4.39 4.53
O3' SAM B . 4.00 4.60 5.85
C2' SAM B . 5.81 5.05 4.27
O2' SAM B . 6.09 6.11 5.15
C1' SAM B . 6.77 3.88 4.49
N9 SAM B . 8.05 4.03 3.82
C8 SAM B . 8.26 4.43 2.52
N7 SAM B . 9.51 4.47 2.18
C5 SAM B . 10.20 4.09 3.33
C6 SAM B . 11.57 3.93 3.62
N6 SAM B . 12.53 4.16 2.73
N1 SAM B . 11.90 3.53 4.86
C2 SAM B . 10.93 3.30 5.75
N3 SAM B . 9.61 3.40 5.59
C4 SAM B . 9.30 3.80 4.35
C2 REN C . -3.49 2.49 -3.15
C3 REN C . -3.65 2.92 -4.44
C5 REN C . -2.56 3.41 -5.17
C8 REN C . -1.30 3.47 -4.57
C9 REN C . -1.14 3.05 -3.26
C10 REN C . 0.23 3.13 -2.64
C11 REN C . 0.38 1.94 -1.68
N12 REN C . -0.68 2.06 -0.64
C14 REN C . -2.09 2.07 -1.12
C16 REN C . -3.06 2.83 -0.17
C17 REN C . -2.67 4.23 0.29
C25 REN C . -3.44 4.81 1.29
C24 REN C . -3.16 6.09 1.76
C21 REN C . -2.09 6.80 1.22
O22 REN C . -1.80 8.05 1.68
C23 REN C . -2.43 9.16 1.03
C19 REN C . -1.30 6.22 0.22
O20 REN C . -0.25 6.90 -0.33
C18 REN C . -1.60 4.94 -0.24
C1 REN C . -2.22 2.56 -2.54
C13 REN C . -0.53 0.97 0.33
O6 REN C . -2.71 3.82 -6.45
C7 REN C . -2.39 2.84 -7.44
O4 REN C . -4.88 2.85 -5.03
C1 GOL D . -4.51 -7.94 1.22
O1 GOL D . -3.59 -6.91 1.59
C2 GOL D . -5.89 -7.38 1.02
O2 GOL D . -6.48 -7.13 2.30
C3 GOL D . -5.92 -6.14 0.17
O3 GOL D . -7.20 -5.88 -0.39
#